data_9IQ7
#
_entry.id   9IQ7
#
_cell.length_a   52.182
_cell.length_b   52.182
_cell.length_c   202.928
_cell.angle_alpha   90.000
_cell.angle_beta   90.000
_cell.angle_gamma   90.000
#
_symmetry.space_group_name_H-M   'P 43 21 2'
#
loop_
_entity.id
_entity.type
_entity.pdbx_description
1 polymer 'Nuclear transport factor 2 family protein'
2 water water
#
_entity_poly.entity_id   1
_entity_poly.type   'polypeptide(L)'
_entity_poly.pdbx_seq_one_letter_code
;MAKSVIHQFFESGAKGDVDGAWACFADDAVWLASEGPEPGRTYTKTEIRDLLVQLDEMARTVRAQGMDGVFEEPVFLTDP
DKAVVEWSLRKADGEVVDRGIDLFTLRDGKILVKDVFRKAKLAAALEHHHHHH
;
_entity_poly.pdbx_strand_id   A,B
#
# COMPACT_ATOMS: atom_id res chain seq x y z
N ALA A 2 -11.12 -0.49 -23.05
CA ALA A 2 -10.73 0.10 -21.76
C ALA A 2 -9.58 1.08 -21.96
N LYS A 3 -9.40 1.98 -20.99
CA LYS A 3 -8.34 2.99 -21.06
C LYS A 3 -6.96 2.39 -20.82
N SER A 4 -6.89 1.18 -20.27
CA SER A 4 -5.63 0.49 -19.98
C SER A 4 -5.98 -0.91 -19.50
N VAL A 5 -4.96 -1.78 -19.43
CA VAL A 5 -5.23 -3.14 -18.97
C VAL A 5 -5.63 -3.14 -17.50
N ILE A 6 -5.19 -2.14 -16.73
CA ILE A 6 -5.66 -2.04 -15.35
C ILE A 6 -7.15 -1.70 -15.32
N HIS A 7 -7.56 -0.72 -16.13
CA HIS A 7 -9.00 -0.47 -16.28
C HIS A 7 -9.74 -1.73 -16.72
N GLN A 8 -9.19 -2.45 -17.71
CA GLN A 8 -9.87 -3.65 -18.16
C GLN A 8 -10.03 -4.64 -17.01
N PHE A 9 -9.01 -4.77 -16.18
CA PHE A 9 -9.09 -5.70 -15.06
C PHE A 9 -10.25 -5.36 -14.13
N PHE A 10 -10.34 -4.10 -13.72
CA PHE A 10 -11.41 -3.73 -12.78
C PHE A 10 -12.78 -3.75 -13.45
N GLU A 11 -12.85 -3.38 -14.73
CA GLU A 11 -14.13 -3.40 -15.42
C GLU A 11 -14.62 -4.83 -15.61
N SER A 12 -13.71 -5.75 -15.95
CA SER A 12 -14.10 -7.15 -16.07
C SER A 12 -14.49 -7.72 -14.71
N GLY A 13 -13.76 -7.38 -13.66
CA GLY A 13 -14.13 -7.82 -12.33
C GLY A 13 -15.51 -7.33 -11.93
N ALA A 14 -15.77 -6.03 -12.14
CA ALA A 14 -17.07 -5.47 -11.82
C ALA A 14 -18.18 -6.11 -12.65
N LYS A 15 -17.86 -6.55 -13.86
CA LYS A 15 -18.82 -7.24 -14.69
C LYS A 15 -18.90 -8.74 -14.39
N GLY A 16 -18.26 -9.19 -13.31
CA GLY A 16 -18.26 -10.60 -12.97
C GLY A 16 -17.57 -11.52 -13.95
N ASP A 17 -16.83 -10.95 -14.91
CA ASP A 17 -16.13 -11.75 -15.93
C ASP A 17 -14.77 -12.17 -15.37
N VAL A 18 -14.81 -13.25 -14.58
CA VAL A 18 -13.61 -13.78 -13.95
C VAL A 18 -12.55 -14.11 -14.99
N ASP A 19 -12.96 -14.76 -16.09
CA ASP A 19 -12.00 -15.16 -17.11
C ASP A 19 -11.41 -13.95 -17.82
N GLY A 20 -12.21 -12.89 -18.02
CA GLY A 20 -11.68 -11.71 -18.67
C GLY A 20 -10.69 -10.98 -17.79
N ALA A 21 -10.98 -10.91 -16.49
CA ALA A 21 -10.04 -10.29 -15.56
C ALA A 21 -8.77 -11.11 -15.45
N TRP A 22 -8.92 -12.43 -15.38
CA TRP A 22 -7.75 -13.30 -15.26
C TRP A 22 -6.85 -13.18 -16.49
N ALA A 23 -7.45 -13.01 -17.66
CA ALA A 23 -6.67 -12.91 -18.88
C ALA A 23 -5.87 -11.62 -18.99
N CYS A 24 -6.06 -10.65 -18.07
CA CYS A 24 -5.25 -9.45 -18.06
C CYS A 24 -3.84 -9.70 -17.54
N PHE A 25 -3.60 -10.85 -16.91
CA PHE A 25 -2.30 -11.16 -16.33
C PHE A 25 -1.42 -11.91 -17.33
N ALA A 26 -0.14 -11.54 -17.35
CA ALA A 26 0.85 -12.32 -18.08
C ALA A 26 1.00 -13.70 -17.46
N ASP A 27 1.45 -14.66 -18.27
CA ASP A 27 1.59 -16.01 -17.72
C ASP A 27 2.65 -16.08 -16.62
N ASP A 28 3.62 -15.16 -16.58
CA ASP A 28 4.58 -15.13 -15.48
C ASP A 28 4.22 -14.11 -14.42
N ALA A 29 2.96 -13.66 -14.38
CA ALA A 29 2.55 -12.65 -13.41
C ALA A 29 2.47 -13.23 -12.00
N VAL A 30 2.57 -12.33 -11.03
CA VAL A 30 2.30 -12.70 -9.64
C VAL A 30 1.32 -11.69 -9.06
N TRP A 31 0.48 -12.19 -8.17
CA TRP A 31 -0.44 -11.39 -7.37
C TRP A 31 0.06 -11.52 -5.94
N LEU A 32 0.50 -10.42 -5.36
CA LEU A 32 1.14 -10.46 -4.05
C LEU A 32 0.08 -10.00 -3.06
N ALA A 33 -0.55 -10.95 -2.40
CA ALA A 33 -1.67 -10.65 -1.52
C ALA A 33 -1.19 -9.89 -0.29
N SER A 34 -2.14 -9.20 0.35
CA SER A 34 -1.76 -8.29 1.43
C SER A 34 -1.44 -8.99 2.74
N GLU A 35 -1.78 -10.26 2.88
CA GLU A 35 -1.49 -10.95 4.13
C GLU A 35 -0.96 -12.34 3.81
N GLY A 36 -0.06 -12.81 4.67
CA GLY A 36 0.53 -14.12 4.55
C GLY A 36 1.93 -14.13 5.13
N PRO A 37 2.62 -15.26 5.04
CA PRO A 37 3.88 -15.41 5.78
C PRO A 37 5.10 -14.81 5.09
N GLU A 38 4.98 -14.21 3.92
CA GLU A 38 6.16 -13.92 3.11
C GLU A 38 6.95 -12.64 3.45
N PRO A 39 6.37 -11.58 4.07
CA PRO A 39 4.96 -11.32 4.43
C PRO A 39 4.14 -11.12 3.18
N GLY A 40 2.84 -11.36 3.28
CA GLY A 40 1.99 -11.42 2.10
C GLY A 40 2.03 -12.83 1.57
N ARG A 41 1.43 -13.01 0.40
CA ARG A 41 1.38 -14.36 -0.17
C ARG A 41 1.46 -14.22 -1.68
N THR A 42 2.34 -14.99 -2.30
CA THR A 42 2.52 -14.96 -3.75
C THR A 42 1.53 -15.94 -4.37
N TYR A 43 0.69 -15.46 -5.27
CA TYR A 43 -0.11 -16.30 -6.16
C TYR A 43 0.35 -16.17 -7.61
N THR A 44 0.53 -17.30 -8.28
CA THR A 44 0.89 -17.27 -9.69
C THR A 44 -0.37 -17.29 -10.56
N LYS A 45 -0.16 -17.19 -11.88
CA LYS A 45 -1.28 -17.09 -12.81
C LYS A 45 -2.24 -18.28 -12.69
N THR A 46 -1.73 -19.47 -12.39
CA THR A 46 -2.65 -20.61 -12.27
C THR A 46 -3.49 -20.52 -11.01
N GLU A 47 -3.05 -19.74 -10.02
CA GLU A 47 -3.76 -19.57 -8.75
C GLU A 47 -4.67 -18.35 -8.72
N ILE A 48 -4.47 -17.40 -9.64
CA ILE A 48 -5.18 -16.13 -9.60
C ILE A 48 -6.66 -16.30 -9.93
N ARG A 49 -7.01 -17.24 -10.83
CA ARG A 49 -8.42 -17.33 -11.21
C ARG A 49 -9.29 -17.66 -9.99
N ASP A 50 -8.86 -18.60 -9.15
CA ASP A 50 -9.64 -18.94 -7.97
C ASP A 50 -9.73 -17.78 -6.99
N LEU A 51 -8.69 -16.95 -6.88
CA LEU A 51 -8.77 -15.74 -6.08
C LEU A 51 -9.88 -14.82 -6.59
N LEU A 52 -9.95 -14.62 -7.92
CA LEU A 52 -10.97 -13.74 -8.50
C LEU A 52 -12.37 -14.27 -8.25
N VAL A 53 -12.56 -15.58 -8.30
CA VAL A 53 -13.88 -16.14 -8.02
C VAL A 53 -14.24 -15.91 -6.56
N GLN A 54 -13.28 -16.12 -5.67
CA GLN A 54 -13.49 -15.87 -4.25
C GLN A 54 -13.84 -14.41 -4.02
N LEU A 55 -13.09 -13.49 -4.64
CA LEU A 55 -13.38 -12.07 -4.45
C LEU A 55 -14.72 -11.68 -5.05
N ASP A 56 -15.12 -12.29 -6.17
CA ASP A 56 -16.43 -12.02 -6.75
C ASP A 56 -17.55 -12.36 -5.76
N GLU A 57 -17.46 -13.52 -5.11
CA GLU A 57 -18.53 -13.88 -4.19
C GLU A 57 -18.47 -13.07 -2.90
N MET A 58 -17.28 -12.65 -2.46
CA MET A 58 -17.20 -11.75 -1.30
C MET A 58 -17.85 -10.39 -1.61
N ALA A 59 -17.61 -9.87 -2.81
CA ALA A 59 -18.19 -8.57 -3.20
C ALA A 59 -19.71 -8.64 -3.22
N ARG A 60 -20.26 -9.71 -3.80
CA ARG A 60 -21.71 -9.91 -3.77
C ARG A 60 -22.21 -10.01 -2.34
N THR A 61 -21.42 -10.64 -1.47
CA THR A 61 -21.84 -10.85 -0.10
C THR A 61 -21.92 -9.53 0.65
N VAL A 62 -20.84 -8.74 0.63
CA VAL A 62 -20.88 -7.48 1.39
C VAL A 62 -21.89 -6.50 0.78
N ARG A 63 -22.13 -6.58 -0.52
CA ARG A 63 -23.13 -5.72 -1.14
C ARG A 63 -24.52 -6.06 -0.62
N ALA A 64 -24.81 -7.35 -0.41
CA ALA A 64 -26.09 -7.74 0.16
C ALA A 64 -26.27 -7.23 1.58
N GLN A 65 -25.17 -6.98 2.29
CA GLN A 65 -25.24 -6.40 3.63
C GLN A 65 -25.19 -4.87 3.60
N GLY A 66 -25.22 -4.27 2.41
CA GLY A 66 -25.31 -2.84 2.30
C GLY A 66 -23.99 -2.11 2.36
N MET A 67 -22.87 -2.80 2.20
CA MET A 67 -21.58 -2.14 2.15
C MET A 67 -21.30 -1.63 0.75
N ASP A 68 -20.48 -0.57 0.68
CA ASP A 68 -20.12 0.06 -0.58
C ASP A 68 -18.60 -0.03 -0.73
N GLY A 69 -18.17 -0.81 -1.72
CA GLY A 69 -16.76 -0.93 -2.04
C GLY A 69 -16.44 -0.10 -3.29
N VAL A 70 -15.41 0.73 -3.17
CA VAL A 70 -15.02 1.66 -4.22
C VAL A 70 -13.57 1.41 -4.59
N PHE A 71 -13.30 1.37 -5.89
CA PHE A 71 -11.95 1.41 -6.46
C PHE A 71 -11.76 2.79 -7.07
N GLU A 72 -10.66 3.47 -6.71
CA GLU A 72 -10.45 4.78 -7.30
C GLU A 72 -9.91 4.63 -8.71
N GLU A 73 -9.93 5.72 -9.46
CA GLU A 73 -9.33 5.71 -10.79
C GLU A 73 -7.84 5.39 -10.71
N PRO A 74 -7.34 4.47 -11.52
CA PRO A 74 -5.90 4.19 -11.53
C PRO A 74 -5.12 5.46 -11.84
N VAL A 75 -4.01 5.63 -11.13
CA VAL A 75 -3.13 6.76 -11.37
C VAL A 75 -1.77 6.19 -11.74
N PHE A 76 -1.30 6.53 -12.94
CA PHE A 76 -0.03 5.99 -13.39
C PHE A 76 1.13 6.78 -12.77
N LEU A 77 2.28 6.11 -12.67
CA LEU A 77 3.47 6.77 -12.16
C LEU A 77 4.26 7.40 -13.30
N THR A 78 5.32 8.12 -12.98
CA THR A 78 6.19 8.65 -14.04
C THR A 78 6.80 7.54 -14.87
N ASP A 79 6.95 6.33 -14.30
CA ASP A 79 7.13 5.06 -15.01
C ASP A 79 5.76 4.63 -15.50
N PRO A 80 5.46 4.75 -16.79
CA PRO A 80 4.10 4.47 -17.28
C PRO A 80 3.71 3.01 -17.20
N ASP A 81 4.64 2.11 -16.88
CA ASP A 81 4.30 0.72 -16.63
C ASP A 81 4.03 0.44 -15.16
N LYS A 82 3.92 1.47 -14.33
CA LYS A 82 3.47 1.29 -12.96
C LYS A 82 2.28 2.20 -12.69
N ALA A 83 1.39 1.75 -11.82
CA ALA A 83 0.24 2.54 -11.43
C ALA A 83 -0.23 2.12 -10.03
N VAL A 84 -0.93 3.02 -9.36
CA VAL A 84 -1.59 2.69 -8.09
C VAL A 84 -3.10 2.80 -8.26
N VAL A 85 -3.82 1.93 -7.54
CA VAL A 85 -5.27 1.99 -7.42
C VAL A 85 -5.60 1.96 -5.94
N GLU A 86 -6.14 3.07 -5.42
CA GLU A 86 -6.66 3.05 -4.05
C GLU A 86 -8.08 2.47 -4.01
N TRP A 87 -8.43 1.85 -2.89
CA TRP A 87 -9.76 1.25 -2.74
C TRP A 87 -10.21 1.25 -1.29
N SER A 88 -11.51 1.12 -1.07
CA SER A 88 -12.02 1.12 0.30
C SER A 88 -13.37 0.40 0.36
N LEU A 89 -13.71 -0.02 1.57
CA LEU A 89 -14.99 -0.67 1.85
C LEU A 89 -15.62 -0.01 3.06
N ARG A 90 -16.86 0.47 2.91
CA ARG A 90 -17.58 1.15 3.99
C ARG A 90 -18.82 0.36 4.36
N LYS A 91 -19.10 0.29 5.67
CA LYS A 91 -20.33 -0.32 6.16
C LYS A 91 -21.53 0.52 5.75
N ALA A 92 -22.72 0.04 6.14
CA ALA A 92 -23.94 0.80 5.90
C ALA A 92 -23.90 2.16 6.58
N ASP A 93 -23.41 2.22 7.82
CA ASP A 93 -23.37 3.47 8.55
C ASP A 93 -22.25 4.40 8.09
N GLY A 94 -21.52 4.01 7.04
CA GLY A 94 -20.44 4.82 6.51
C GLY A 94 -19.09 4.56 7.13
N GLU A 95 -19.01 3.71 8.15
CA GLU A 95 -17.72 3.41 8.76
C GLU A 95 -16.86 2.63 7.80
N VAL A 96 -15.64 3.11 7.57
CA VAL A 96 -14.69 2.39 6.72
C VAL A 96 -14.22 1.16 7.47
N VAL A 97 -14.38 -0.01 6.87
CA VAL A 97 -13.91 -1.25 7.48
C VAL A 97 -12.67 -1.78 6.81
N ASP A 98 -12.34 -1.31 5.61
CA ASP A 98 -11.21 -1.81 4.83
C ASP A 98 -10.75 -0.73 3.88
N ARG A 99 -9.43 -0.52 3.83
CA ARG A 99 -8.87 0.48 2.94
C ARG A 99 -7.49 0.00 2.52
N GLY A 100 -7.17 0.20 1.25
CA GLY A 100 -5.89 -0.28 0.77
C GLY A 100 -5.47 0.38 -0.51
N ILE A 101 -4.41 -0.20 -1.10
CA ILE A 101 -3.87 0.31 -2.34
C ILE A 101 -3.21 -0.86 -3.06
N ASP A 102 -3.37 -0.89 -4.37
CA ASP A 102 -2.67 -1.85 -5.22
C ASP A 102 -1.60 -1.13 -6.01
N LEU A 103 -0.41 -1.70 -6.05
CA LEU A 103 0.64 -1.21 -6.92
C LEU A 103 0.79 -2.19 -8.06
N PHE A 104 0.52 -1.74 -9.27
CA PHE A 104 0.59 -2.59 -10.46
C PHE A 104 1.89 -2.36 -11.21
N THR A 105 2.47 -3.42 -11.73
CA THR A 105 3.56 -3.34 -12.69
C THR A 105 3.05 -4.01 -13.95
N LEU A 106 3.23 -3.34 -15.09
CA LEU A 106 2.77 -3.84 -16.38
C LEU A 106 3.97 -4.21 -17.24
N ARG A 107 3.73 -5.10 -18.20
CA ARG A 107 4.73 -5.35 -19.22
C ARG A 107 3.99 -5.63 -20.52
N ASP A 108 4.25 -4.80 -21.55
CA ASP A 108 3.69 -5.01 -22.89
C ASP A 108 2.19 -5.23 -22.86
N GLY A 109 1.49 -4.41 -22.06
CA GLY A 109 0.04 -4.42 -22.07
C GLY A 109 -0.60 -5.44 -21.15
N LYS A 110 0.18 -6.17 -20.37
CA LYS A 110 -0.34 -7.17 -19.46
C LYS A 110 0.10 -6.81 -18.05
N ILE A 111 -0.66 -7.29 -17.07
CA ILE A 111 -0.27 -7.13 -15.68
C ILE A 111 0.80 -8.15 -15.36
N LEU A 112 1.92 -7.68 -14.82
CA LEU A 112 3.02 -8.56 -14.42
C LEU A 112 3.06 -8.73 -12.90
N VAL A 113 2.77 -7.67 -12.17
CA VAL A 113 2.68 -7.73 -10.71
C VAL A 113 1.45 -6.95 -10.25
N LYS A 114 0.67 -7.55 -9.35
CA LYS A 114 -0.35 -6.81 -8.59
C LYS A 114 0.04 -6.95 -7.13
N ASP A 115 0.48 -5.86 -6.51
CA ASP A 115 1.07 -5.93 -5.17
C ASP A 115 0.05 -5.22 -4.26
N VAL A 116 -0.61 -5.96 -3.37
CA VAL A 116 -1.77 -5.48 -2.63
C VAL A 116 -1.36 -5.16 -1.20
N PHE A 117 -1.78 -3.99 -0.72
CA PHE A 117 -1.56 -3.55 0.66
C PHE A 117 -2.87 -3.07 1.26
N ARG A 118 -3.04 -3.28 2.58
CA ARG A 118 -4.26 -2.79 3.19
C ARG A 118 -3.94 -2.32 4.60
N LYS A 119 -4.76 -1.40 5.10
CA LYS A 119 -4.68 -1.04 6.50
C LYS A 119 -5.12 -2.21 7.37
N ALA A 120 -4.58 -2.27 8.59
CA ALA A 120 -5.07 -3.24 9.54
C ALA A 120 -6.12 -2.56 10.39
N LYS A 121 -7.36 -3.05 10.31
CA LYS A 121 -8.50 -2.47 11.04
C LYS A 121 -8.55 -3.05 12.44
N LEU A 122 -8.55 -2.18 13.46
CA LEU A 122 -8.50 -2.67 14.84
C LEU A 122 -9.70 -2.32 15.69
N ALA A 123 -10.54 -1.37 15.27
CA ALA A 123 -11.65 -0.88 16.11
C ALA A 123 -11.13 -0.34 17.43
N ALA B 2 18.20 18.55 -0.46
CA ALA B 2 17.84 17.21 -0.89
C ALA B 2 16.98 17.25 -2.14
N LYS B 3 16.83 16.09 -2.80
CA LYS B 3 16.14 16.03 -4.08
C LYS B 3 14.66 16.34 -3.97
N SER B 4 14.06 16.14 -2.79
CA SER B 4 12.67 16.47 -2.53
C SER B 4 12.48 16.40 -1.02
N VAL B 5 11.33 16.90 -0.55
CA VAL B 5 11.09 16.84 0.89
C VAL B 5 10.95 15.38 1.33
N ILE B 6 10.52 14.48 0.45
CA ILE B 6 10.47 13.07 0.83
C ILE B 6 11.88 12.54 1.07
N HIS B 7 12.81 12.89 0.19
CA HIS B 7 14.20 12.49 0.40
C HIS B 7 14.74 13.04 1.72
N GLN B 8 14.46 14.30 2.02
CA GLN B 8 14.92 14.86 3.28
C GLN B 8 14.35 14.09 4.46
N PHE B 9 13.07 13.73 4.38
CA PHE B 9 12.43 13.04 5.50
C PHE B 9 13.15 11.74 5.82
N PHE B 10 13.38 10.89 4.82
CA PHE B 10 14.01 9.61 5.11
C PHE B 10 15.47 9.76 5.51
N GLU B 11 16.17 10.74 4.94
CA GLU B 11 17.54 11.00 5.36
C GLU B 11 17.61 11.44 6.82
N SER B 12 16.73 12.37 7.23
CA SER B 12 16.73 12.80 8.61
C SER B 12 16.26 11.70 9.55
N GLY B 13 15.27 10.91 9.11
CA GLY B 13 14.78 9.84 9.96
C GLY B 13 15.81 8.74 10.16
N ALA B 14 16.47 8.33 9.08
CA ALA B 14 17.49 7.29 9.18
C ALA B 14 18.63 7.72 10.10
N LYS B 15 19.00 9.00 10.05
CA LYS B 15 20.07 9.53 10.90
C LYS B 15 19.64 9.74 12.34
N GLY B 16 18.37 9.47 12.67
CA GLY B 16 17.89 9.69 14.02
C GLY B 16 17.59 11.12 14.38
N ASP B 17 17.58 12.02 13.40
CA ASP B 17 17.24 13.43 13.61
C ASP B 17 15.73 13.57 13.63
N VAL B 18 15.16 13.36 14.81
CA VAL B 18 13.70 13.41 14.98
C VAL B 18 13.15 14.77 14.59
N ASP B 19 13.84 15.84 15.02
CA ASP B 19 13.35 17.20 14.79
C ASP B 19 13.36 17.55 13.32
N GLY B 20 14.41 17.12 12.60
CA GLY B 20 14.49 17.44 11.18
C GLY B 20 13.46 16.69 10.37
N ALA B 21 13.24 15.42 10.68
CA ALA B 21 12.20 14.66 9.99
C ALA B 21 10.83 15.24 10.31
N TRP B 22 10.62 15.65 11.56
CA TRP B 22 9.34 16.22 11.95
C TRP B 22 9.07 17.52 11.18
N ALA B 23 10.09 18.34 10.98
CA ALA B 23 9.90 19.62 10.30
C ALA B 23 9.60 19.46 8.81
N CYS B 24 9.68 18.25 8.26
CA CYS B 24 9.28 18.01 6.88
C CYS B 24 7.77 18.08 6.70
N PHE B 25 7.00 18.01 7.78
CA PHE B 25 5.55 17.99 7.67
C PHE B 25 4.98 19.40 7.75
N ALA B 26 3.98 19.65 6.91
CA ALA B 26 3.16 20.85 7.04
C ALA B 26 2.40 20.84 8.35
N ASP B 27 2.04 22.04 8.83
CA ASP B 27 1.34 22.11 10.11
C ASP B 27 -0.02 21.41 10.06
N ASP B 28 -0.65 21.32 8.88
CA ASP B 28 -1.90 20.58 8.76
C ASP B 28 -1.70 19.18 8.20
N ALA B 29 -0.49 18.63 8.30
CA ALA B 29 -0.20 17.29 7.81
C ALA B 29 -0.89 16.23 8.66
N VAL B 30 -1.08 15.06 8.05
CA VAL B 30 -1.46 13.86 8.78
C VAL B 30 -0.55 12.72 8.36
N TRP B 31 -0.18 11.90 9.33
CA TRP B 31 0.48 10.62 9.10
C TRP B 31 -0.57 9.56 9.38
N LEU B 32 -0.91 8.77 8.37
CA LEU B 32 -1.98 7.79 8.50
C LEU B 32 -1.28 6.44 8.65
N ALA B 33 -1.14 5.99 9.90
CA ALA B 33 -0.36 4.82 10.21
C ALA B 33 -1.09 3.58 9.71
N SER B 34 -0.34 2.48 9.61
CA SER B 34 -0.84 1.30 8.92
C SER B 34 -1.87 0.52 9.73
N GLU B 35 -1.96 0.74 11.04
CA GLU B 35 -2.77 -0.08 11.91
C GLU B 35 -3.60 0.83 12.81
N GLY B 36 -4.90 0.58 12.88
CA GLY B 36 -5.74 1.25 13.86
C GLY B 36 -7.22 1.12 13.58
N PRO B 37 -8.05 1.89 14.28
CA PRO B 37 -9.49 1.74 14.16
C PRO B 37 -10.11 2.42 12.95
N GLU B 38 -9.35 3.16 12.16
CA GLU B 38 -9.96 4.07 11.20
C GLU B 38 -10.42 3.50 9.87
N PRO B 39 -9.80 2.43 9.29
CA PRO B 39 -8.64 1.61 9.72
C PRO B 39 -7.36 2.38 9.60
N GLY B 40 -6.30 1.96 10.28
CA GLY B 40 -5.13 2.81 10.42
C GLY B 40 -5.39 3.80 11.54
N ARG B 41 -4.46 4.73 11.72
CA ARG B 41 -4.59 5.70 12.81
C ARG B 41 -3.99 7.01 12.37
N THR B 42 -4.73 8.10 12.60
CA THR B 42 -4.33 9.45 12.20
C THR B 42 -3.46 10.08 13.28
N TYR B 43 -2.26 10.49 12.89
CA TYR B 43 -1.38 11.32 13.72
C TYR B 43 -1.30 12.71 13.09
N THR B 44 -1.62 13.75 13.87
CA THR B 44 -1.44 15.09 13.34
C THR B 44 -0.01 15.56 13.62
N LYS B 45 0.30 16.77 13.17
CA LYS B 45 1.66 17.28 13.32
C LYS B 45 2.11 17.29 14.78
N THR B 46 1.20 17.62 15.71
CA THR B 46 1.61 17.64 17.11
C THR B 46 1.88 16.25 17.66
N GLU B 47 1.36 15.21 17.02
CA GLU B 47 1.52 13.84 17.49
C GLU B 47 2.60 13.08 16.73
N ILE B 48 3.07 13.65 15.61
CA ILE B 48 4.02 12.95 14.73
C ILE B 48 5.40 12.87 15.37
N ARG B 49 5.79 13.89 16.16
CA ARG B 49 7.12 13.84 16.74
C ARG B 49 7.27 12.66 17.69
N ASP B 50 6.26 12.43 18.54
CA ASP B 50 6.33 11.28 19.44
C ASP B 50 6.36 9.98 18.66
N LEU B 51 5.62 9.91 17.56
CA LEU B 51 5.67 8.73 16.71
C LEU B 51 7.08 8.52 16.18
N LEU B 52 7.73 9.60 15.73
CA LEU B 52 9.09 9.47 15.23
C LEU B 52 10.04 9.02 16.33
N VAL B 53 9.83 9.52 17.55
CA VAL B 53 10.64 9.08 18.68
C VAL B 53 10.46 7.57 18.90
N GLN B 54 9.21 7.10 18.92
CA GLN B 54 8.96 5.66 19.06
C GLN B 54 9.60 4.87 17.92
N LEU B 55 9.49 5.37 16.69
CA LEU B 55 10.07 4.65 15.56
C LEU B 55 11.59 4.68 15.60
N ASP B 56 12.17 5.77 16.11
CA ASP B 56 13.63 5.83 16.26
C ASP B 56 14.12 4.76 17.22
N GLU B 57 13.41 4.57 18.34
CA GLU B 57 13.82 3.54 19.28
C GLU B 57 13.60 2.16 18.69
N MET B 58 12.56 1.99 17.87
CA MET B 58 12.37 0.72 17.17
C MET B 58 13.50 0.49 16.16
N ALA B 59 13.93 1.54 15.48
CA ALA B 59 14.98 1.40 14.47
C ALA B 59 16.31 1.04 15.12
N ARG B 60 16.60 1.59 16.31
CA ARG B 60 17.84 1.24 16.99
C ARG B 60 17.84 -0.23 17.38
N THR B 61 16.69 -0.76 17.79
CA THR B 61 16.60 -2.17 18.18
C THR B 61 16.87 -3.10 16.99
N VAL B 62 16.12 -2.94 15.89
CA VAL B 62 16.35 -3.81 14.75
C VAL B 62 17.76 -3.61 14.19
N ARG B 63 18.30 -2.40 14.28
CA ARG B 63 19.67 -2.17 13.84
C ARG B 63 20.65 -2.99 14.66
N ALA B 64 20.45 -3.01 15.99
CA ALA B 64 21.30 -3.79 16.89
C ALA B 64 21.15 -5.29 16.67
N GLN B 65 20.12 -5.73 15.95
CA GLN B 65 19.92 -7.13 15.63
C GLN B 65 20.37 -7.45 14.20
N GLY B 66 21.18 -6.58 13.61
CA GLY B 66 21.68 -6.81 12.26
C GLY B 66 20.65 -6.70 11.17
N MET B 67 19.52 -6.05 11.42
CA MET B 67 18.51 -5.87 10.39
C MET B 67 18.72 -4.56 9.65
N ASP B 68 18.25 -4.55 8.39
CA ASP B 68 18.39 -3.42 7.49
C ASP B 68 17.02 -2.89 7.13
N GLY B 69 16.83 -1.58 7.25
CA GLY B 69 15.64 -0.92 6.73
C GLY B 69 16.00 -0.24 5.42
N VAL B 70 15.22 -0.55 4.38
CA VAL B 70 15.49 -0.08 3.02
C VAL B 70 14.29 0.73 2.54
N PHE B 71 14.55 1.96 2.12
CA PHE B 71 13.50 2.85 1.60
C PHE B 71 13.84 3.19 0.16
N GLU B 72 12.97 2.77 -0.76
CA GLU B 72 13.30 2.93 -2.16
C GLU B 72 13.07 4.37 -2.61
N GLU B 73 13.65 4.70 -3.75
CA GLU B 73 13.50 6.04 -4.29
C GLU B 73 12.03 6.36 -4.51
N PRO B 74 11.54 7.53 -4.09
CA PRO B 74 10.14 7.88 -4.38
C PRO B 74 9.90 7.95 -5.87
N VAL B 75 8.77 7.39 -6.29
CA VAL B 75 8.33 7.46 -7.67
C VAL B 75 7.03 8.25 -7.70
N PHE B 76 7.03 9.34 -8.47
CA PHE B 76 5.91 10.25 -8.43
C PHE B 76 4.79 9.78 -9.35
N LEU B 77 3.58 10.15 -8.97
CA LEU B 77 2.39 9.92 -9.76
C LEU B 77 2.29 10.97 -10.85
N THR B 78 1.33 10.78 -11.77
CA THR B 78 1.09 11.83 -12.76
C THR B 78 0.58 13.12 -12.11
N ASP B 79 0.05 13.03 -10.88
CA ASP B 79 -0.12 14.18 -10.00
C ASP B 79 1.24 14.43 -9.38
N PRO B 80 1.96 15.48 -9.77
CA PRO B 80 3.37 15.62 -9.32
C PRO B 80 3.49 15.88 -7.83
N ASP B 81 2.40 16.15 -7.13
CA ASP B 81 2.39 16.32 -5.69
C ASP B 81 2.19 15.00 -4.93
N LYS B 82 2.15 13.85 -5.62
CA LYS B 82 2.00 12.59 -4.92
C LYS B 82 3.09 11.63 -5.38
N ALA B 83 3.52 10.75 -4.47
CA ALA B 83 4.61 9.82 -4.76
C ALA B 83 4.44 8.58 -3.89
N VAL B 84 4.92 7.43 -4.40
CA VAL B 84 4.96 6.20 -3.60
C VAL B 84 6.41 5.91 -3.23
N VAL B 85 6.60 5.41 -2.02
CA VAL B 85 7.90 4.93 -1.53
C VAL B 85 7.70 3.50 -1.05
N GLU B 86 8.30 2.54 -1.76
CA GLU B 86 8.28 1.17 -1.28
C GLU B 86 9.39 0.99 -0.24
N TRP B 87 9.12 0.17 0.78
CA TRP B 87 10.13 -0.01 1.81
C TRP B 87 10.05 -1.42 2.37
N SER B 88 11.12 -1.82 3.05
CA SER B 88 11.20 -3.15 3.62
C SER B 88 12.23 -3.17 4.73
N LEU B 89 12.02 -4.09 5.66
CA LEU B 89 12.93 -4.39 6.75
C LEU B 89 13.46 -5.79 6.53
N ARG B 90 14.79 -5.95 6.48
CA ARG B 90 15.40 -7.20 6.09
C ARG B 90 16.43 -7.63 7.13
N LYS B 91 16.54 -8.94 7.33
CA LYS B 91 17.65 -9.45 8.12
C LYS B 91 18.94 -9.34 7.33
N ALA B 92 20.06 -9.56 8.03
CA ALA B 92 21.36 -9.48 7.39
C ALA B 92 21.46 -10.45 6.22
N ASP B 93 20.87 -11.64 6.36
CA ASP B 93 20.87 -12.62 5.29
C ASP B 93 19.86 -12.32 4.18
N GLY B 94 19.13 -11.21 4.27
CA GLY B 94 18.23 -10.82 3.22
C GLY B 94 16.77 -11.17 3.44
N GLU B 95 16.45 -11.96 4.46
CA GLU B 95 15.07 -12.34 4.70
C GLU B 95 14.22 -11.11 4.98
N VAL B 96 13.15 -10.94 4.21
CA VAL B 96 12.21 -9.84 4.41
C VAL B 96 11.39 -10.12 5.66
N VAL B 97 11.46 -9.20 6.62
CA VAL B 97 10.77 -9.30 7.90
C VAL B 97 9.49 -8.48 7.84
N ASP B 98 9.52 -7.41 7.07
CA ASP B 98 8.39 -6.51 7.02
C ASP B 98 8.49 -5.72 5.72
N ARG B 99 7.34 -5.44 5.10
CA ARG B 99 7.36 -4.80 3.79
C ARG B 99 6.13 -3.91 3.64
N GLY B 100 6.30 -2.75 3.02
CA GLY B 100 5.17 -1.87 2.87
C GLY B 100 5.36 -0.85 1.76
N ILE B 101 4.46 0.12 1.77
CA ILE B 101 4.50 1.22 0.80
C ILE B 101 3.89 2.44 1.47
N ASP B 102 4.47 3.61 1.18
CA ASP B 102 3.94 4.88 1.66
C ASP B 102 3.45 5.66 0.46
N LEU B 103 2.25 6.22 0.55
CA LEU B 103 1.75 7.16 -0.44
C LEU B 103 1.84 8.56 0.14
N PHE B 104 2.68 9.40 -0.45
CA PHE B 104 2.88 10.77 0.02
C PHE B 104 2.02 11.74 -0.77
N THR B 105 1.43 12.71 -0.09
CA THR B 105 0.86 13.89 -0.73
C THR B 105 1.66 15.07 -0.23
N LEU B 106 2.16 15.89 -1.14
CA LEU B 106 3.00 17.03 -0.79
C LEU B 106 2.27 18.31 -1.16
N ARG B 107 2.65 19.38 -0.47
CA ARG B 107 2.08 20.68 -0.79
C ARG B 107 3.08 21.72 -0.33
N ASP B 108 3.55 22.54 -1.28
CA ASP B 108 4.42 23.68 -0.97
C ASP B 108 5.75 23.23 -0.36
N GLY B 109 6.31 22.12 -0.86
CA GLY B 109 7.57 21.62 -0.35
C GLY B 109 7.52 20.94 1.00
N LYS B 110 6.33 20.65 1.51
CA LYS B 110 6.16 19.97 2.78
C LYS B 110 5.26 18.76 2.57
N ILE B 111 5.36 17.80 3.49
CA ILE B 111 4.49 16.62 3.45
C ILE B 111 3.15 16.99 4.05
N LEU B 112 2.08 16.74 3.31
CA LEU B 112 0.73 16.97 3.81
C LEU B 112 0.06 15.68 4.27
N VAL B 113 0.33 14.57 3.58
CA VAL B 113 -0.18 13.26 3.95
C VAL B 113 0.92 12.23 3.75
N LYS B 114 1.15 11.41 4.77
CA LYS B 114 1.95 10.19 4.65
C LYS B 114 1.01 9.03 4.99
N ASP B 115 0.62 8.28 3.97
CA ASP B 115 -0.39 7.23 4.10
C ASP B 115 0.34 5.89 4.03
N VAL B 116 0.42 5.18 5.15
CA VAL B 116 1.33 4.05 5.32
C VAL B 116 0.55 2.75 5.22
N PHE B 117 1.06 1.83 4.41
CA PHE B 117 0.47 0.50 4.23
C PHE B 117 1.55 -0.56 4.41
N ARG B 118 1.17 -1.72 4.93
CA ARG B 118 2.16 -2.70 5.39
C ARG B 118 1.57 -4.08 5.17
N LYS B 119 2.34 -5.00 4.58
CA LYS B 119 1.88 -6.39 4.49
C LYS B 119 1.65 -6.93 5.89
N ALA B 120 0.60 -7.71 6.06
CA ALA B 120 0.32 -8.34 7.36
C ALA B 120 0.95 -9.73 7.36
N LYS B 121 1.83 -9.98 8.32
CA LYS B 121 2.49 -11.28 8.42
C LYS B 121 1.57 -12.24 9.18
N LEU B 122 1.00 -13.21 8.47
CA LEU B 122 0.02 -14.13 9.04
C LEU B 122 0.35 -15.52 8.55
N ALA B 123 -0.13 -16.53 9.28
CA ALA B 123 -0.11 -17.87 8.73
C ALA B 123 -1.04 -17.97 7.54
N ALA B 124 -2.27 -17.47 7.70
CA ALA B 124 -3.34 -17.48 6.72
C ALA B 124 -4.47 -16.58 7.21
N ALA B 125 -5.40 -16.26 6.29
CA ALA B 125 -6.64 -15.57 6.65
C ALA B 125 -7.86 -16.47 6.41
N LEU B 126 -8.80 -16.03 5.57
CA LEU B 126 -9.97 -16.82 5.21
C LEU B 126 -10.20 -16.76 3.72
N GLU B 127 -10.65 -17.88 3.15
CA GLU B 127 -10.91 -17.99 1.73
C GLU B 127 -12.15 -18.87 1.55
N HIS B 128 -12.31 -19.45 0.36
CA HIS B 128 -13.41 -20.36 0.06
C HIS B 128 -13.05 -21.33 -1.05
#